data_4BX7
#
_entry.id   4BX7
#
_cell.length_a   64.410
_cell.length_b   64.410
_cell.length_c   103.130
_cell.angle_alpha   90.00
_cell.angle_beta   90.00
_cell.angle_gamma   120.00
#
_symmetry.space_group_name_H-M   'P 31 2 1'
#
loop_
_entity.id
_entity.type
_entity.pdbx_description
1 polymer STREPTAVIDIN
2 polymer STREPTAVIDIN
3 non-polymer (4S)-2-METHYL-2,4-PENTANEDIOL
4 non-polymer biotin-4-fluorescein
5 water water
#
loop_
_entity_poly.entity_id
_entity_poly.type
_entity_poly.pdbx_seq_one_letter_code
_entity_poly.pdbx_strand_id
1 'polypeptide(L)'
;AEAGITGTWYAQLGDTFIVTAGADGALTGTYEAAVGNAESRYVLTGRYDSAPATDGSGTALGWTVAWKNNYRNAHSATTW
SGQYVGGAEARINTQWLLTSGTTEANAWKSTLVGHDTFTKVKPSAASA
;
A
2 'polypeptide(L)'
;AEAGITGTWYNQLGSTFIVTAGADGALTGTYESAVGNAESRYVLTGRYDSAPATDGSGTALGWTVAWKNNYRNAHSATTW
SGQYVGGAEARINTQWLLTSGTTEANAWKSTLVGHDTFTKVKPSAASEEEEEE
;
B
#
loop_
_chem_comp.id
_chem_comp.type
_chem_comp.name
_chem_comp.formula
B4F non-polymer biotin-4-fluorescein 'C33 H32 N4 O8 S'
MPD non-polymer (4S)-2-METHYL-2,4-PENTANEDIOL 'C6 H14 O2'
#
# COMPACT_ATOMS: atom_id res chain seq x y z
N ALA A 3 14.74 -4.14 11.70
CA ALA A 3 15.28 -3.92 13.03
C ALA A 3 14.77 -2.60 13.63
N GLY A 4 14.98 -1.51 12.91
CA GLY A 4 14.50 -0.20 13.32
C GLY A 4 12.99 -0.10 13.09
N ILE A 5 12.53 -0.61 11.96
CA ILE A 5 11.11 -0.64 11.66
C ILE A 5 10.40 -1.74 12.45
N THR A 6 11.08 -2.86 12.66
CA THR A 6 10.46 -4.00 13.33
C THR A 6 10.06 -3.64 14.76
N GLY A 7 8.79 -3.89 15.09
CA GLY A 7 8.30 -3.59 16.41
C GLY A 7 6.86 -3.14 16.42
N THR A 8 6.48 -2.48 17.50
CA THR A 8 5.12 -2.01 17.68
C THR A 8 5.10 -0.49 17.60
N TRP A 9 4.07 0.04 16.95
CA TRP A 9 3.95 1.46 16.69
C TRP A 9 2.57 1.95 17.03
N TYR A 10 2.47 3.23 17.41
CA TYR A 10 1.18 3.81 17.75
C TYR A 10 0.98 5.19 17.12
N ALA A 11 -0.25 5.44 16.73
CA ALA A 11 -0.66 6.75 16.20
C ALA A 11 -1.33 7.56 17.30
N GLN A 12 -1.64 8.81 16.98
CA GLN A 12 -2.22 9.75 17.95
C GLN A 12 -3.66 9.40 18.30
N LEU A 13 -4.43 8.95 17.30
CA LEU A 13 -5.83 8.59 17.48
C LEU A 13 -6.04 7.28 18.24
N GLY A 14 -4.97 6.55 18.48
CA GLY A 14 -5.03 5.36 19.30
C GLY A 14 -4.77 4.08 18.51
N ASP A 15 -4.62 4.21 17.21
CA ASP A 15 -4.34 3.05 16.37
C ASP A 15 -2.92 2.55 16.63
N THR A 16 -2.79 1.22 16.66
CA THR A 16 -1.52 0.58 16.88
C THR A 16 -1.29 -0.44 15.78
N PHE A 17 -0.02 -0.67 15.44
CA PHE A 17 0.32 -1.84 14.67
C PHE A 17 1.63 -2.44 15.12
N ILE A 18 1.74 -3.74 14.91
CA ILE A 18 2.97 -4.47 15.13
C ILE A 18 3.42 -4.95 13.76
N VAL A 19 4.72 -4.89 13.51
CA VAL A 19 5.24 -5.20 12.19
C VAL A 19 6.60 -5.87 12.29
N THR A 20 6.88 -6.72 11.31
CA THR A 20 8.18 -7.33 11.15
C THR A 20 8.73 -6.95 9.76
N ALA A 21 9.97 -6.46 9.74
CA ALA A 21 10.62 -6.12 8.48
C ALA A 21 11.66 -7.17 8.14
N GLY A 22 11.44 -7.89 7.04
CA GLY A 22 12.35 -8.94 6.61
C GLY A 22 13.51 -8.37 5.83
N ALA A 23 14.59 -9.15 5.73
CA ALA A 23 15.78 -8.73 4.99
C ALA A 23 15.51 -8.67 3.49
N ASP A 24 14.38 -9.25 3.08
CA ASP A 24 14.00 -9.31 1.67
C ASP A 24 13.17 -8.08 1.28
N GLY A 25 12.94 -7.18 2.23
CA GLY A 25 12.18 -5.97 1.95
C GLY A 25 10.68 -6.12 2.21
N ALA A 26 10.30 -7.17 2.94
CA ALA A 26 8.89 -7.43 3.18
C ALA A 26 8.46 -6.83 4.51
N LEU A 27 7.25 -6.29 4.54
CA LEU A 27 6.62 -5.88 5.79
C LEU A 27 5.44 -6.80 6.04
N THR A 28 5.36 -7.34 7.24
CA THR A 28 4.26 -8.24 7.60
C THR A 28 3.87 -8.04 9.05
N GLY A 29 2.57 -7.98 9.32
CA GLY A 29 2.12 -7.85 10.70
C GLY A 29 0.63 -7.64 10.83
N THR A 30 0.25 -6.90 11.87
CA THR A 30 -1.13 -6.73 12.23
C THR A 30 -1.41 -5.27 12.60
N TYR A 31 -2.53 -4.76 12.10
CA TYR A 31 -2.98 -3.40 12.39
C TYR A 31 -4.21 -3.47 13.29
N GLU A 32 -4.24 -2.64 14.33
CA GLU A 32 -5.35 -2.63 15.27
C GLU A 32 -5.93 -1.23 15.36
N ALA A 33 -7.23 -1.12 15.13
CA ALA A 33 -7.92 0.17 15.19
C ALA A 33 -8.07 0.65 16.63
N ALA A 34 -8.32 1.95 16.74
CA ALA A 34 -8.36 2.69 18.01
C ALA A 34 -8.86 1.91 19.22
N VAL A 35 -9.98 1.20 19.06
CA VAL A 35 -10.51 0.41 20.16
C VAL A 35 -9.70 -0.88 20.28
N GLY A 36 -9.21 -1.15 21.49
CA GLY A 36 -8.32 -2.27 21.71
C GLY A 36 -9.07 -3.58 21.92
N ASN A 37 -9.40 -4.26 20.82
CA ASN A 37 -9.97 -5.59 20.89
C ASN A 37 -9.52 -6.44 19.71
N ALA A 38 -9.68 -7.75 19.86
CA ALA A 38 -9.41 -8.71 18.79
C ALA A 38 -10.28 -8.42 17.58
N GLU A 39 -11.47 -7.90 17.86
CA GLU A 39 -12.47 -7.61 16.82
C GLU A 39 -11.96 -6.58 15.81
N SER A 40 -10.90 -5.87 16.18
CA SER A 40 -10.38 -4.78 15.37
C SER A 40 -8.95 -5.04 14.92
N ARG A 41 -8.57 -6.31 14.81
CA ARG A 41 -7.23 -6.67 14.35
C ARG A 41 -7.23 -7.20 12.92
N TYR A 42 -6.37 -6.65 12.07
CA TYR A 42 -6.39 -6.93 10.64
C TYR A 42 -5.00 -7.20 10.13
N VAL A 43 -4.89 -8.01 9.08
CA VAL A 43 -3.60 -8.28 8.46
C VAL A 43 -3.03 -7.02 7.80
N LEU A 44 -1.72 -6.86 7.96
CA LEU A 44 -0.96 -5.77 7.35
C LEU A 44 0.12 -6.38 6.45
N THR A 45 0.23 -5.91 5.20
CA THR A 45 1.27 -6.38 4.28
C THR A 45 1.85 -5.24 3.44
N GLY A 46 3.18 -5.21 3.31
CA GLY A 46 3.83 -4.16 2.54
C GLY A 46 5.29 -4.40 2.22
N ARG A 47 5.96 -3.32 1.81
CA ARG A 47 7.36 -3.40 1.38
C ARG A 47 8.17 -2.23 1.91
N TYR A 48 9.49 -2.35 1.82
CA TYR A 48 10.36 -1.26 2.23
C TYR A 48 11.74 -1.36 1.58
N ASP A 49 12.41 -0.23 1.53
CA ASP A 49 13.77 -0.15 1.03
C ASP A 49 14.73 -0.70 2.08
N SER A 50 15.28 -1.89 1.79
CA SER A 50 16.18 -2.59 2.69
C SER A 50 17.60 -2.02 2.62
N ALA A 51 17.85 -1.12 1.67
CA ALA A 51 19.15 -0.48 1.50
C ALA A 51 18.98 1.01 1.30
N PRO A 52 18.53 1.73 2.34
CA PRO A 52 18.27 3.17 2.21
C PRO A 52 19.56 3.97 2.04
N ALA A 53 19.43 5.18 1.52
CA ALA A 53 20.57 6.05 1.35
C ALA A 53 21.20 6.40 2.69
N THR A 54 22.40 6.95 2.63
CA THR A 54 23.22 7.19 3.80
C THR A 54 23.48 8.67 4.00
N ASP A 55 22.70 9.49 3.31
CA ASP A 55 22.92 10.93 3.26
C ASP A 55 22.05 11.70 4.26
N GLY A 56 21.35 10.98 5.13
CA GLY A 56 20.45 11.60 6.11
C GLY A 56 18.98 11.44 5.75
N SER A 57 18.73 10.87 4.57
CA SER A 57 17.36 10.61 4.12
C SER A 57 16.64 9.54 4.94
N GLY A 58 15.31 9.63 4.96
CA GLY A 58 14.52 8.62 5.61
C GLY A 58 14.43 7.38 4.73
N THR A 59 13.74 6.37 5.26
CA THR A 59 13.62 5.07 4.61
C THR A 59 12.22 4.89 4.06
N ALA A 60 12.13 4.80 2.74
CA ALA A 60 10.84 4.72 2.06
C ALA A 60 10.14 3.41 2.33
N LEU A 61 8.82 3.47 2.49
CA LEU A 61 8.04 2.26 2.74
C LEU A 61 6.55 2.45 2.41
N GLY A 62 5.81 1.35 2.48
CA GLY A 62 4.39 1.40 2.25
C GLY A 62 3.75 0.09 2.68
N TRP A 63 2.47 0.14 3.06
CA TRP A 63 1.75 -1.09 3.37
C TRP A 63 0.26 -0.92 3.15
N THR A 64 -0.44 -2.06 3.18
CA THR A 64 -1.86 -2.12 2.90
C THR A 64 -2.60 -2.92 3.96
N VAL A 65 -3.78 -2.45 4.31
CA VAL A 65 -4.71 -3.21 5.14
C VAL A 65 -6.07 -3.23 4.45
N ALA A 66 -6.56 -4.42 4.14
CA ALA A 66 -7.94 -4.59 3.70
C ALA A 66 -8.81 -4.79 4.94
N TRP A 67 -9.88 -4.02 5.04
CA TRP A 67 -10.61 -3.97 6.31
C TRP A 67 -11.60 -5.13 6.45
N LYS A 68 -11.07 -6.34 6.29
CA LYS A 68 -11.84 -7.56 6.49
C LYS A 68 -11.10 -8.48 7.44
N ASN A 69 -11.81 -8.97 8.45
CA ASN A 69 -11.30 -10.04 9.29
C ASN A 69 -12.42 -11.03 9.64
N ASN A 70 -12.21 -11.88 10.63
CA ASN A 70 -13.19 -12.92 10.93
C ASN A 70 -14.39 -12.40 11.72
N TYR A 71 -14.37 -11.13 12.07
CA TYR A 71 -15.45 -10.51 12.82
C TYR A 71 -16.28 -9.60 11.93
N ARG A 72 -15.63 -8.93 10.99
CA ARG A 72 -16.32 -7.96 10.15
C ARG A 72 -15.63 -7.63 8.84
N ASN A 73 -16.40 -7.00 7.95
CA ASN A 73 -15.95 -6.63 6.62
C ASN A 73 -16.55 -5.28 6.23
N ALA A 74 -15.69 -4.29 6.04
CA ALA A 74 -16.13 -2.95 5.71
C ALA A 74 -16.01 -2.69 4.22
N HIS A 75 -15.60 -3.71 3.46
CA HIS A 75 -15.51 -3.61 2.01
C HIS A 75 -14.66 -2.40 1.61
N SER A 76 -13.45 -2.32 2.19
CA SER A 76 -12.56 -1.24 1.88
C SER A 76 -11.13 -1.62 2.20
N ALA A 77 -10.19 -0.77 1.76
CA ALA A 77 -8.78 -0.95 2.05
C ALA A 77 -8.08 0.39 2.14
N THR A 78 -7.05 0.43 2.98
CA THR A 78 -6.23 1.61 3.16
C THR A 78 -4.81 1.27 2.75
N THR A 79 -4.14 2.20 2.07
CA THR A 79 -2.70 2.11 1.87
C THR A 79 -1.99 3.29 2.52
N TRP A 80 -0.85 3.01 3.15
CA TRP A 80 -0.02 4.04 3.73
C TRP A 80 1.25 4.11 2.93
N SER A 81 1.65 5.32 2.54
CA SER A 81 2.91 5.53 1.86
C SER A 81 3.71 6.60 2.63
N GLY A 82 4.90 6.25 3.09
CA GLY A 82 5.68 7.20 3.86
C GLY A 82 7.15 6.86 3.95
N GLN A 83 7.75 7.28 5.05
CA GLN A 83 9.15 6.96 5.29
C GLN A 83 9.44 6.81 6.77
N TYR A 84 10.41 5.95 7.08
CA TYR A 84 10.85 5.74 8.45
C TYR A 84 11.97 6.70 8.77
N VAL A 85 11.86 7.35 9.93
CA VAL A 85 12.87 8.30 10.40
C VAL A 85 13.40 7.84 11.75
N GLY A 86 14.66 7.40 11.77
CA GLY A 86 15.26 6.87 12.98
C GLY A 86 15.57 7.97 13.98
N GLY A 87 15.67 7.60 15.24
CA GLY A 87 16.00 8.54 16.30
C GLY A 87 15.81 7.92 17.66
N ALA A 88 16.10 8.70 18.69
CA ALA A 88 15.85 8.30 20.06
C ALA A 88 14.37 7.95 20.18
N GLU A 89 13.54 8.75 19.53
CA GLU A 89 12.11 8.47 19.40
C GLU A 89 11.81 8.32 17.91
N ALA A 90 11.85 7.08 17.44
CA ALA A 90 11.72 6.81 16.01
C ALA A 90 10.30 7.08 15.53
N ARG A 91 10.18 7.43 14.26
CA ARG A 91 8.89 7.79 13.70
C ARG A 91 8.69 7.28 12.28
N ILE A 92 7.42 7.03 11.95
CA ILE A 92 7.03 6.77 10.58
C ILE A 92 5.98 7.80 10.15
N ASN A 93 6.34 8.63 9.18
CA ASN A 93 5.47 9.68 8.69
C ASN A 93 4.81 9.20 7.40
N THR A 94 3.48 9.17 7.38
CA THR A 94 2.75 8.65 6.23
C THR A 94 1.66 9.57 5.73
N GLN A 95 1.27 9.32 4.49
CA GLN A 95 0.00 9.79 3.98
C GLN A 95 -0.74 8.54 3.53
N TRP A 96 -2.07 8.55 3.57
CA TRP A 96 -2.80 7.33 3.23
C TRP A 96 -4.00 7.57 2.34
N LEU A 97 -4.42 6.49 1.68
CA LEU A 97 -5.59 6.48 0.82
C LEU A 97 -6.48 5.32 1.23
N LEU A 98 -7.73 5.63 1.54
CA LEU A 98 -8.71 4.62 1.91
C LEU A 98 -9.75 4.52 0.81
N THR A 99 -9.77 3.41 0.08
CA THR A 99 -10.77 3.21 -0.96
C THR A 99 -11.81 2.17 -0.54
N SER A 100 -13.09 2.54 -0.66
CA SER A 100 -14.19 1.61 -0.43
C SER A 100 -14.78 1.14 -1.75
N GLY A 101 -15.29 -0.09 -1.75
CA GLY A 101 -15.99 -0.61 -2.90
C GLY A 101 -17.21 0.24 -3.19
N THR A 102 -17.36 0.65 -4.45
CA THR A 102 -18.48 1.50 -4.84
C THR A 102 -19.03 1.08 -6.18
N THR A 103 -20.18 1.64 -6.50
CA THR A 103 -20.72 1.62 -7.86
C THR A 103 -19.90 2.59 -8.68
N GLU A 104 -19.80 2.34 -9.98
CA GLU A 104 -19.10 3.23 -10.90
C GLU A 104 -19.63 4.65 -10.76
N ALA A 105 -20.90 4.76 -10.38
CA ALA A 105 -21.56 6.05 -10.26
C ALA A 105 -21.05 6.83 -9.06
N ASN A 106 -20.64 6.11 -8.02
CA ASN A 106 -20.18 6.72 -6.77
C ASN A 106 -18.68 6.66 -6.61
N ALA A 107 -17.97 6.35 -7.68
CA ALA A 107 -16.53 6.19 -7.61
C ALA A 107 -15.86 7.50 -7.15
N TRP A 108 -16.49 8.62 -7.51
CA TRP A 108 -15.93 9.93 -7.22
C TRP A 108 -15.84 10.20 -5.72
N LYS A 109 -16.67 9.50 -4.94
CA LYS A 109 -16.68 9.66 -3.49
C LYS A 109 -16.15 8.38 -2.84
N SER A 110 -15.32 7.64 -3.55
CA SER A 110 -14.84 6.34 -3.07
C SER A 110 -13.58 6.41 -2.22
N THR A 111 -12.81 7.51 -2.33
CA THR A 111 -11.48 7.54 -1.76
C THR A 111 -11.28 8.71 -0.80
N LEU A 112 -10.99 8.38 0.46
CA LEU A 112 -10.56 9.37 1.45
C LEU A 112 -9.04 9.45 1.49
N VAL A 113 -8.52 10.60 1.91
CA VAL A 113 -7.09 10.79 2.01
C VAL A 113 -6.76 11.47 3.34
N GLY A 114 -5.63 11.09 3.93
CA GLY A 114 -5.24 11.71 5.18
C GLY A 114 -3.77 11.49 5.47
N HIS A 115 -3.38 11.82 6.69
CA HIS A 115 -2.00 11.66 7.10
C HIS A 115 -1.94 11.19 8.55
N ASP A 116 -0.94 10.35 8.82
CA ASP A 116 -0.72 9.79 10.14
C ASP A 116 0.77 9.72 10.41
N THR A 117 1.15 10.09 11.62
CA THR A 117 2.51 9.91 12.09
C THR A 117 2.47 8.87 13.22
N PHE A 118 3.27 7.82 13.08
CA PHE A 118 3.34 6.77 14.07
C PHE A 118 4.64 6.90 14.86
N THR A 119 4.57 6.50 16.12
CA THR A 119 5.73 6.51 16.99
C THR A 119 5.94 5.11 17.58
N LYS A 120 7.21 4.78 17.82
CA LYS A 120 7.58 3.43 18.22
C LYS A 120 7.62 3.28 19.74
N VAL A 121 7.14 2.14 20.23
CA VAL A 121 7.19 1.85 21.66
C VAL A 121 8.57 1.30 22.02
N GLY B 4 -11.26 -12.42 -13.47
CA GLY B 4 -11.08 -12.03 -12.08
C GLY B 4 -9.94 -11.05 -11.91
N ILE B 5 -9.46 -10.91 -10.67
CA ILE B 5 -8.37 -9.99 -10.38
C ILE B 5 -7.04 -10.59 -10.83
N THR B 6 -6.88 -11.89 -10.59
CA THR B 6 -5.67 -12.59 -10.98
C THR B 6 -5.43 -12.43 -12.48
N GLY B 7 -4.18 -12.20 -12.84
CA GLY B 7 -3.80 -12.09 -14.24
C GLY B 7 -2.74 -11.04 -14.50
N THR B 8 -2.64 -10.65 -15.76
CA THR B 8 -1.67 -9.65 -16.20
C THR B 8 -2.42 -8.41 -16.63
N TRP B 9 -1.96 -7.26 -16.17
CA TRP B 9 -2.66 -6.00 -16.37
C TRP B 9 -1.72 -4.94 -16.91
N TYR B 10 -2.30 -3.93 -17.53
CA TYR B 10 -1.53 -2.84 -18.13
C TYR B 10 -2.23 -1.52 -17.82
N ASN B 11 -1.45 -0.49 -17.53
CA ASN B 11 -2.01 0.85 -17.35
C ASN B 11 -1.79 1.75 -18.56
N GLN B 12 -2.25 2.99 -18.46
CA GLN B 12 -2.15 3.94 -19.56
C GLN B 12 -0.70 4.32 -19.89
N LEU B 13 0.20 4.12 -18.92
CA LEU B 13 1.62 4.41 -19.10
C LEU B 13 2.34 3.26 -19.80
N GLY B 14 1.66 2.12 -19.93
CA GLY B 14 2.23 0.95 -20.55
C GLY B 14 2.95 0.05 -19.56
N SER B 15 2.87 0.41 -18.28
CA SER B 15 3.50 -0.39 -17.23
C SER B 15 2.74 -1.70 -17.04
N THR B 16 3.46 -2.73 -16.61
CA THR B 16 2.90 -4.07 -16.55
C THR B 16 2.74 -4.54 -15.11
N PHE B 17 1.54 -5.03 -14.82
CA PHE B 17 1.17 -5.42 -13.47
C PHE B 17 0.67 -6.86 -13.47
N ILE B 18 1.51 -7.77 -12.98
CA ILE B 18 1.18 -9.19 -12.94
C ILE B 18 0.89 -9.57 -11.51
N VAL B 19 -0.31 -10.08 -11.27
CA VAL B 19 -0.77 -10.27 -9.91
C VAL B 19 -1.52 -11.58 -9.71
N THR B 20 -1.39 -12.13 -8.50
CA THR B 20 -2.09 -13.33 -8.09
C THR B 20 -2.85 -13.04 -6.81
N ALA B 21 -4.16 -13.26 -6.82
CA ALA B 21 -5.01 -13.04 -5.65
C ALA B 21 -5.34 -14.37 -4.93
N GLY B 22 -4.86 -14.51 -3.70
CA GLY B 22 -5.17 -15.67 -2.87
C GLY B 22 -6.49 -15.55 -2.12
N ALA B 23 -6.98 -16.66 -1.59
CA ALA B 23 -8.29 -16.68 -0.94
C ALA B 23 -8.22 -16.14 0.49
N ASP B 24 -7.00 -15.92 0.97
CA ASP B 24 -6.75 -15.36 2.29
C ASP B 24 -6.80 -13.82 2.24
N GLY B 25 -7.11 -13.26 1.09
CA GLY B 25 -7.17 -11.82 0.92
C GLY B 25 -5.82 -11.24 0.50
N ALA B 26 -4.86 -12.11 0.20
CA ALA B 26 -3.49 -11.67 -0.09
C ALA B 26 -3.26 -11.45 -1.57
N LEU B 27 -2.46 -10.42 -1.87
CA LEU B 27 -2.00 -10.16 -3.23
C LEU B 27 -0.49 -10.31 -3.30
N THR B 28 -0.03 -10.93 -4.40
CA THR B 28 1.38 -11.10 -4.66
C THR B 28 1.63 -10.96 -6.16
N GLY B 29 2.86 -10.63 -6.53
CA GLY B 29 3.18 -10.54 -7.95
C GLY B 29 4.36 -9.63 -8.23
N THR B 30 4.35 -9.07 -9.44
CA THR B 30 5.44 -8.22 -9.92
C THR B 30 4.90 -7.03 -10.70
N TYR B 31 5.68 -5.95 -10.71
CA TYR B 31 5.31 -4.72 -11.38
C TYR B 31 6.48 -4.24 -12.22
N GLU B 32 6.21 -3.87 -13.45
CA GLU B 32 7.23 -3.31 -14.33
C GLU B 32 6.80 -1.93 -14.80
N SER B 33 7.56 -0.92 -14.41
CA SER B 33 7.20 0.46 -14.70
C SER B 33 7.79 0.86 -16.04
N ALA B 34 6.99 1.58 -16.82
CA ALA B 34 7.44 2.14 -18.10
C ALA B 34 8.19 3.45 -17.88
N VAL B 35 7.80 4.17 -16.83
CA VAL B 35 8.37 5.47 -16.51
C VAL B 35 9.20 5.48 -15.22
N GLY B 36 10.02 6.52 -15.09
CA GLY B 36 10.73 6.79 -13.86
C GLY B 36 11.94 5.91 -13.62
N ASN B 37 12.55 6.09 -12.46
CA ASN B 37 13.77 5.37 -12.13
C ASN B 37 13.46 3.94 -11.78
N ALA B 38 13.15 3.15 -12.81
CA ALA B 38 12.83 1.75 -12.63
C ALA B 38 13.39 0.94 -13.79
N GLU B 39 13.85 -0.27 -13.49
CA GLU B 39 14.27 -1.20 -14.53
C GLU B 39 13.78 -2.61 -14.23
N SER B 40 13.15 -3.21 -15.23
CA SER B 40 12.65 -4.58 -15.13
C SER B 40 11.57 -4.70 -14.07
N ARG B 41 11.61 -5.79 -13.30
CA ARG B 41 10.51 -6.13 -12.42
C ARG B 41 10.85 -5.94 -10.96
N TYR B 42 9.84 -5.51 -10.20
CA TYR B 42 9.95 -5.34 -8.76
C TYR B 42 8.85 -6.12 -8.06
N VAL B 43 9.18 -6.61 -6.87
CA VAL B 43 8.21 -7.32 -6.05
C VAL B 43 7.08 -6.40 -5.60
N LEU B 44 5.89 -6.98 -5.52
CA LEU B 44 4.76 -6.30 -4.92
C LEU B 44 3.99 -7.25 -4.02
N THR B 45 3.34 -6.67 -3.03
CA THR B 45 2.43 -7.42 -2.17
C THR B 45 1.31 -6.47 -1.73
N GLY B 46 0.16 -7.03 -1.39
CA GLY B 46 -0.97 -6.21 -1.02
C GLY B 46 -2.12 -7.02 -0.44
N ARG B 47 -3.29 -6.38 -0.38
CA ARG B 47 -4.47 -7.00 0.19
C ARG B 47 -5.69 -6.70 -0.68
N TYR B 48 -6.70 -7.56 -0.60
CA TYR B 48 -7.96 -7.29 -1.25
C TYR B 48 -9.08 -7.92 -0.47
N ASP B 49 -10.27 -7.38 -0.66
CA ASP B 49 -11.47 -7.89 -0.02
C ASP B 49 -11.93 -9.20 -0.69
N SER B 50 -11.76 -10.31 0.02
CA SER B 50 -12.04 -11.65 -0.52
C SER B 50 -13.54 -11.97 -0.56
N ALA B 51 -14.35 -11.16 0.10
CA ALA B 51 -15.80 -11.37 0.14
C ALA B 51 -16.53 -10.05 -0.13
N PRO B 52 -16.44 -9.57 -1.38
CA PRO B 52 -17.03 -8.27 -1.75
C PRO B 52 -18.54 -8.30 -1.75
N ALA B 53 -19.13 -7.11 -1.84
CA ALA B 53 -20.57 -6.98 -1.87
C ALA B 53 -21.08 -7.51 -3.20
N THR B 54 -22.40 -7.59 -3.32
CA THR B 54 -23.06 -8.19 -4.47
C THR B 54 -23.93 -7.18 -5.22
N ASP B 55 -23.92 -5.94 -4.75
CA ASP B 55 -24.80 -4.90 -5.28
C ASP B 55 -24.22 -4.25 -6.54
N GLY B 56 -23.20 -4.88 -7.12
CA GLY B 56 -22.53 -4.32 -8.29
C GLY B 56 -21.34 -3.44 -7.91
N SER B 57 -21.13 -3.24 -6.60
CA SER B 57 -19.99 -2.45 -6.14
C SER B 57 -18.67 -3.12 -6.50
N GLY B 58 -17.62 -2.30 -6.60
CA GLY B 58 -16.31 -2.83 -6.91
C GLY B 58 -15.72 -3.54 -5.72
N THR B 59 -14.61 -4.21 -5.95
CA THR B 59 -13.88 -4.95 -4.92
C THR B 59 -12.64 -4.15 -4.53
N ALA B 60 -12.58 -3.74 -3.26
CA ALA B 60 -11.51 -2.88 -2.78
C ALA B 60 -10.20 -3.62 -2.69
N LEU B 61 -9.10 -2.94 -3.06
CA LEU B 61 -7.77 -3.52 -2.94
C LEU B 61 -6.68 -2.47 -2.85
N GLY B 62 -5.47 -2.93 -2.56
CA GLY B 62 -4.33 -2.05 -2.51
C GLY B 62 -3.06 -2.87 -2.57
N TRP B 63 -1.98 -2.25 -3.04
CA TRP B 63 -0.69 -2.93 -3.01
C TRP B 63 0.45 -1.93 -3.01
N THR B 64 1.64 -2.45 -2.74
CA THR B 64 2.83 -1.65 -2.55
C THR B 64 3.97 -2.18 -3.39
N VAL B 65 4.77 -1.26 -3.93
CA VAL B 65 6.03 -1.61 -4.57
C VAL B 65 7.11 -0.73 -3.95
N ALA B 66 8.16 -1.38 -3.43
CA ALA B 66 9.37 -0.68 -3.06
C ALA B 66 10.32 -0.79 -4.26
N TRP B 67 10.80 0.35 -4.72
CA TRP B 67 11.49 0.41 -6.00
C TRP B 67 12.95 0.01 -5.86
N LYS B 68 13.17 -1.13 -5.22
CA LYS B 68 14.48 -1.74 -5.17
C LYS B 68 14.43 -3.16 -5.76
N ASN B 69 15.42 -3.47 -6.59
CA ASN B 69 15.66 -4.82 -7.04
C ASN B 69 17.16 -5.04 -7.22
N ASN B 70 17.53 -6.15 -7.84
CA ASN B 70 18.93 -6.47 -8.07
C ASN B 70 19.55 -5.59 -9.15
N TYR B 71 18.72 -4.86 -9.87
CA TYR B 71 19.18 -3.97 -10.92
C TYR B 71 19.38 -2.55 -10.38
N ARG B 72 18.44 -2.06 -9.59
CA ARG B 72 18.40 -0.64 -9.23
C ARG B 72 17.73 -0.37 -7.89
N ASN B 73 18.04 0.80 -7.32
CA ASN B 73 17.38 1.28 -6.12
C ASN B 73 17.05 2.76 -6.21
N ALA B 74 15.75 3.07 -6.26
CA ALA B 74 15.28 4.42 -6.43
C ALA B 74 14.90 5.06 -5.08
N HIS B 75 15.17 4.36 -4.00
CA HIS B 75 14.88 4.85 -2.65
C HIS B 75 13.47 5.43 -2.51
N SER B 76 12.49 4.65 -2.96
CA SER B 76 11.12 5.11 -2.92
C SER B 76 10.15 3.93 -2.90
N ALA B 77 8.90 4.24 -2.61
CA ALA B 77 7.87 3.23 -2.63
C ALA B 77 6.59 3.86 -3.11
N THR B 78 5.81 3.05 -3.83
CA THR B 78 4.51 3.44 -4.31
C THR B 78 3.46 2.52 -3.71
N THR B 79 2.35 3.10 -3.26
CA THR B 79 1.17 2.32 -2.90
C THR B 79 0.02 2.74 -3.81
N TRP B 80 -0.71 1.74 -4.30
CA TRP B 80 -1.90 1.97 -5.12
C TRP B 80 -3.10 1.60 -4.27
N SER B 81 -4.11 2.47 -4.26
CA SER B 81 -5.35 2.19 -3.56
C SER B 81 -6.51 2.38 -4.54
N GLY B 82 -7.34 1.35 -4.69
CA GLY B 82 -8.46 1.42 -5.60
C GLY B 82 -9.42 0.25 -5.50
N GLN B 83 -10.07 -0.07 -6.61
CA GLN B 83 -11.03 -1.16 -6.63
C GLN B 83 -11.15 -1.80 -7.99
N TYR B 84 -11.42 -3.11 -7.95
CA TYR B 84 -11.73 -3.89 -9.14
C TYR B 84 -13.19 -3.67 -9.50
N VAL B 85 -13.45 -3.38 -10.76
CA VAL B 85 -14.80 -3.20 -11.27
C VAL B 85 -15.03 -4.24 -12.35
N GLY B 86 -16.15 -4.94 -12.25
CA GLY B 86 -16.48 -5.99 -13.18
C GLY B 86 -17.31 -5.45 -14.33
N GLY B 87 -17.18 -6.11 -15.48
CA GLY B 87 -17.90 -5.70 -16.67
C GLY B 87 -17.38 -6.41 -17.89
N ALA B 88 -17.93 -6.04 -19.05
CA ALA B 88 -17.49 -6.58 -20.32
C ALA B 88 -15.99 -6.37 -20.44
N GLU B 89 -15.56 -5.17 -20.09
CA GLU B 89 -14.14 -4.85 -20.02
C GLU B 89 -13.79 -4.59 -18.56
N ALA B 90 -13.09 -5.55 -17.96
CA ALA B 90 -12.71 -5.45 -16.56
C ALA B 90 -11.52 -4.51 -16.40
N ARG B 91 -11.52 -3.73 -15.33
CA ARG B 91 -10.40 -2.85 -15.03
C ARG B 91 -10.25 -2.58 -13.55
N ILE B 92 -9.02 -2.21 -13.19
CA ILE B 92 -8.72 -1.79 -11.82
C ILE B 92 -8.39 -0.31 -11.83
N ASN B 93 -9.25 0.48 -11.19
CA ASN B 93 -9.03 1.92 -11.07
C ASN B 93 -8.32 2.20 -9.75
N THR B 94 -7.22 2.96 -9.82
CA THR B 94 -6.43 3.28 -8.64
C THR B 94 -6.08 4.74 -8.54
N GLN B 95 -5.75 5.14 -7.31
CA GLN B 95 -5.00 6.35 -7.06
C GLN B 95 -3.78 5.89 -6.27
N TRP B 96 -2.66 6.58 -6.44
CA TRP B 96 -1.42 6.13 -5.84
C TRP B 96 -0.62 7.25 -5.20
N LEU B 97 0.17 6.87 -4.21
CA LEU B 97 1.08 7.77 -3.51
C LEU B 97 2.49 7.22 -3.64
N LEU B 98 3.40 8.03 -4.17
CA LEU B 98 4.77 7.63 -4.38
C LEU B 98 5.70 8.48 -3.50
N THR B 99 6.23 7.85 -2.45
CA THR B 99 7.08 8.55 -1.49
C THR B 99 8.53 8.12 -1.64
N SER B 100 9.40 9.12 -1.76
CA SER B 100 10.84 8.91 -1.79
C SER B 100 11.39 9.26 -0.41
N GLY B 101 12.46 8.58 -0.01
CA GLY B 101 13.16 8.92 1.21
C GLY B 101 13.82 10.29 1.07
N THR B 102 13.69 11.13 2.12
CA THR B 102 14.20 12.49 2.09
C THR B 102 14.67 12.92 3.46
N THR B 103 15.43 14.01 3.50
CA THR B 103 15.71 14.72 4.74
C THR B 103 14.41 15.35 5.22
N GLU B 104 14.35 15.66 6.51
CA GLU B 104 13.20 16.32 7.11
C GLU B 104 12.91 17.66 6.43
N ALA B 105 13.95 18.35 5.99
CA ALA B 105 13.76 19.66 5.38
C ALA B 105 13.08 19.52 4.02
N ASN B 106 13.23 18.35 3.40
CA ASN B 106 12.75 18.13 2.05
C ASN B 106 11.50 17.26 1.99
N ALA B 107 10.93 16.95 3.14
CA ALA B 107 9.77 16.07 3.21
C ALA B 107 8.59 16.62 2.41
N TRP B 108 8.51 17.95 2.30
CA TRP B 108 7.40 18.58 1.61
C TRP B 108 7.34 18.18 0.13
N LYS B 109 8.48 17.81 -0.44
CA LYS B 109 8.52 17.35 -1.82
C LYS B 109 8.82 15.85 -1.90
N SER B 110 8.42 15.09 -0.88
CA SER B 110 8.73 13.67 -0.81
C SER B 110 7.71 12.82 -1.56
N THR B 111 6.50 13.34 -1.73
CA THR B 111 5.38 12.49 -2.12
C THR B 111 4.60 12.94 -3.36
N LEU B 112 4.67 12.15 -4.42
CA LEU B 112 3.89 12.40 -5.62
C LEU B 112 2.54 11.70 -5.53
N VAL B 113 1.55 12.22 -6.22
CA VAL B 113 0.23 11.61 -6.28
C VAL B 113 -0.27 11.56 -7.71
N GLY B 114 -0.98 10.50 -8.06
CA GLY B 114 -1.54 10.34 -9.39
C GLY B 114 -2.62 9.27 -9.41
N HIS B 115 -3.08 8.96 -10.63
CA HIS B 115 -4.12 7.97 -10.83
C HIS B 115 -3.79 7.06 -12.00
N ASP B 116 -3.98 5.77 -11.80
CA ASP B 116 -3.69 4.76 -12.83
C ASP B 116 -4.95 3.91 -13.05
N THR B 117 -5.28 3.69 -14.31
CA THR B 117 -6.36 2.76 -14.69
C THR B 117 -5.75 1.57 -15.40
N PHE B 118 -6.00 0.37 -14.89
CA PHE B 118 -5.42 -0.85 -15.44
C PHE B 118 -6.45 -1.66 -16.23
N THR B 119 -5.96 -2.34 -17.27
CA THR B 119 -6.78 -3.21 -18.09
C THR B 119 -5.92 -4.40 -18.52
N LYS B 120 -6.55 -5.50 -18.93
CA LYS B 120 -5.84 -6.69 -19.37
C LYS B 120 -5.46 -6.71 -20.85
N VAL B 121 -5.44 -5.56 -21.52
CA VAL B 121 -5.04 -5.50 -22.93
C VAL B 121 -3.53 -5.74 -23.09
C1 MPD C . -5.39 6.26 9.55
C2 MPD C . -6.54 5.49 10.17
O2 MPD C . -6.84 6.17 11.42
CM MPD C . -6.21 4.04 10.49
C3 MPD C . -7.81 5.56 9.33
C4 MPD C . -7.62 5.06 7.89
O4 MPD C . -7.43 3.67 7.81
C5 MPD C . -8.88 5.40 7.14
O1 B4F D . 3.09 2.49 -13.54
C1 B4F D . 3.37 3.52 -12.93
N1 B4F D . 2.50 4.28 -12.25
N2 B4F D . 4.60 4.07 -12.82
C2 B4F D . 4.61 5.32 -12.10
C3 B4F D . 3.13 5.41 -11.58
C4 B4F D . 3.11 5.27 -10.06
S1 B4F D . 4.69 4.53 -9.55
C5 B4F D . 5.54 5.43 -10.88
C6 B4F D . 6.95 4.91 -11.12
C7 B4F D . 7.91 5.34 -10.02
C8 B4F D . 9.30 4.78 -10.21
C9 B4F D . 10.21 5.01 -9.01
C10 B4F D . 10.78 6.41 -8.92
O2 B4F D . 11.62 6.79 -9.73
N3 B4F D . 10.37 7.15 -7.90
C11 B4F D . 11.17 8.19 -7.26
C12 B4F D . 11.56 9.32 -8.18
N4 B4F D . 10.74 10.51 -8.03
C13 B4F D . 10.60 11.38 -9.04
O3 B4F D . 10.78 11.04 -10.21
C14 B4F D . 10.33 12.80 -8.70
C15 B4F D . 10.65 13.73 -9.68
C16 B4F D . 9.82 13.26 -7.48
C17 B4F D . 9.67 14.61 -7.25
C18 B4F D . 10.00 15.54 -8.22
C19 B4F D . 10.48 15.09 -9.46
C20 B4F D . 10.84 15.96 -10.61
O4 B4F D . 10.41 17.10 -10.74
O5 B4F D . 11.63 15.37 -11.48
C21 B4F D . 9.84 17.01 -7.94
C22 B4F D . 8.56 17.67 -8.24
C23 B4F D . 7.47 17.04 -8.84
C24 B4F D . 6.29 17.71 -9.07
C25 B4F D . 6.19 19.06 -8.70
O6 B4F D . 4.99 19.70 -8.91
C26 B4F D . 7.25 19.72 -8.13
C27 B4F D . 8.43 19.02 -7.90
O7 B4F D . 9.46 19.73 -7.32
C28 B4F D . 10.66 19.14 -7.06
C29 B4F D . 10.87 17.75 -7.37
C30 B4F D . 11.63 19.91 -6.53
C31 B4F D . 12.94 19.35 -6.22
O8 B4F D . 13.83 20.04 -5.71
C32 B4F D . 13.14 17.95 -6.54
C33 B4F D . 12.15 17.20 -7.08
#